data_4J8Q
#
_entry.id   4J8Q
#
_cell.length_a   79.556
_cell.length_b   124.425
_cell.length_c   56.072
_cell.angle_alpha   90.000
_cell.angle_beta   90.000
_cell.angle_gamma   90.000
#
_symmetry.space_group_name_H-M   'C 2 2 21'
#
loop_
_entity.id
_entity.type
_entity.pdbx_description
1 polymer 'Putative uncharacterized protein'
2 non-polymer 1,2-ETHANEDIOL
3 water water
#
_entity_poly.entity_id   1
_entity_poly.type   'polypeptide(L)'
_entity_poly.pdbx_seq_one_letter_code
;GCDDNDGYSLGDIAVDWATVRVVGGDTYSLNADRWGTLWPAATAIPFYKPIDGQRVITYFNPLYDNYEGYDHAVKVEHNY
NVLTKQVEDLTAENESEFGNDPVWVNKD(MSE)(MSE)WIGGGYLNVIFRQNLPVKEKHLVSLVRD(MSE)RATAAEGED
DGYIHLELRYKTYDDVTARQANGAVSFNLNSLDLTGKKGIKVKLNSVKDGETEVVFNLKGQS(MSE)PEEAKQVTLSDEV
QIK
;
_entity_poly.pdbx_strand_id   A
#
# COMPACT_ATOMS: atom_id res chain seq x y z
N ASP A 6 2.59 6.63 27.93
CA ASP A 6 1.98 5.26 27.91
C ASP A 6 2.79 4.26 28.73
N GLY A 7 2.43 2.97 28.62
CA GLY A 7 3.25 1.87 29.14
C GLY A 7 4.13 1.27 28.05
N TYR A 8 5.27 1.92 27.77
CA TYR A 8 6.27 1.41 26.83
C TYR A 8 7.56 1.00 27.57
N SER A 9 8.31 0.07 26.98
CA SER A 9 9.67 -0.21 27.40
C SER A 9 10.62 0.17 26.28
N LEU A 10 11.87 0.40 26.64
CA LEU A 10 12.90 0.69 25.66
C LEU A 10 13.24 -0.54 24.84
N GLY A 11 12.96 -1.72 25.39
CA GLY A 11 13.13 -2.96 24.65
C GLY A 11 12.07 -3.23 23.58
N ASP A 12 10.94 -2.55 23.64
CA ASP A 12 9.81 -2.90 22.79
C ASP A 12 9.98 -2.44 21.36
N ILE A 13 9.52 -3.26 20.42
CA ILE A 13 9.48 -2.89 19.01
C ILE A 13 8.05 -2.95 18.49
N ALA A 14 7.78 -2.11 17.51
CA ALA A 14 6.48 -2.10 16.81
C ALA A 14 6.69 -1.92 15.33
N VAL A 15 5.66 -2.26 14.56
CA VAL A 15 5.70 -2.09 13.11
C VAL A 15 4.39 -1.47 12.62
N ASP A 16 4.48 -0.77 11.49
CA ASP A 16 3.31 -0.30 10.77
C ASP A 16 3.74 -0.04 9.35
N TRP A 17 2.78 0.20 8.47
CA TRP A 17 3.02 0.75 7.12
C TRP A 17 2.76 2.25 7.20
N ALA A 18 3.56 3.03 6.49
CA ALA A 18 3.49 4.48 6.60
C ALA A 18 3.90 5.20 5.33
N THR A 19 3.58 6.48 5.30
CA THR A 19 3.89 7.36 4.22
C THR A 19 4.91 8.39 4.73
N VAL A 20 6.02 8.52 4.03
CA VAL A 20 7.05 9.44 4.43
C VAL A 20 6.61 10.86 4.09
N ARG A 21 6.78 11.76 5.06
CA ARG A 21 6.53 13.18 4.87
C ARG A 21 7.84 13.90 5.16
N VAL A 22 8.34 14.66 4.20
CA VAL A 22 9.61 15.35 4.35
C VAL A 22 9.41 16.73 4.97
N VAL A 23 10.17 16.99 6.04
CA VAL A 23 10.11 18.24 6.80
C VAL A 23 11.12 19.29 6.28
N GLY A 24 12.41 18.96 6.32
CA GLY A 24 13.46 19.89 5.91
C GLY A 24 14.75 19.19 5.48
N GLY A 25 14.94 19.07 4.16
CA GLY A 25 16.10 18.38 3.63
C GLY A 25 16.03 16.90 3.95
N ASP A 26 16.82 16.48 4.95
CA ASP A 26 16.91 15.05 5.34
C ASP A 26 16.07 14.68 6.57
N THR A 27 15.38 15.66 7.16
CA THR A 27 14.48 15.42 8.30
C THR A 27 13.10 15.09 7.80
N TYR A 28 12.49 14.08 8.41
CA TYR A 28 11.23 13.52 7.93
C TYR A 28 10.36 13.02 9.10
N SER A 29 9.07 12.88 8.83
CA SER A 29 8.16 12.21 9.73
C SER A 29 7.52 11.08 8.97
N LEU A 30 6.85 10.19 9.70
CA LEU A 30 6.17 9.07 9.08
C LEU A 30 4.71 9.17 9.43
N ASN A 31 3.85 9.01 8.44
CA ASN A 31 2.42 9.02 8.65
C ASN A 31 1.90 7.57 8.60
N ALA A 32 1.77 6.96 9.79
CA ALA A 32 1.49 5.53 9.93
C ALA A 32 -0.01 5.21 9.96
N ASP A 33 -0.37 4.13 9.29
CA ASP A 33 -1.78 3.76 9.07
C ASP A 33 -2.57 3.55 10.36
N ARG A 34 -1.93 2.93 11.35
CA ARG A 34 -2.58 2.62 12.62
C ARG A 34 -2.09 3.50 13.77
N TRP A 35 -0.79 3.82 13.77
CA TRP A 35 -0.18 4.57 14.87
C TRP A 35 -0.28 6.09 14.71
N GLY A 36 -0.59 6.55 13.50
CA GLY A 36 -0.67 7.97 13.23
C GLY A 36 0.72 8.55 13.00
N THR A 37 0.88 9.85 13.23
CA THR A 37 2.11 10.52 12.85
C THR A 37 3.21 10.19 13.83
N LEU A 38 4.38 9.86 13.29
CA LEU A 38 5.55 9.47 14.08
C LEU A 38 6.72 10.42 13.87
N TRP A 39 7.16 11.07 14.95
CA TRP A 39 8.36 11.91 14.95
C TRP A 39 9.59 11.08 15.30
N PRO A 40 10.63 11.08 14.45
CA PRO A 40 11.89 10.40 14.83
C PRO A 40 12.79 11.17 15.83
N ALA A 41 12.54 10.96 17.12
CA ALA A 41 13.35 11.58 18.16
C ALA A 41 14.77 10.99 18.13
N ALA A 42 14.86 9.74 17.70
CA ALA A 42 16.11 9.04 17.49
C ALA A 42 16.01 8.06 16.30
N THR A 43 17.14 7.47 15.91
CA THR A 43 17.18 6.57 14.76
C THR A 43 18.43 5.67 14.75
N ALA A 44 18.25 4.47 14.21
CA ALA A 44 19.37 3.58 13.91
C ALA A 44 19.81 3.71 12.46
N ILE A 45 19.23 4.65 11.72
CA ILE A 45 19.54 4.84 10.29
C ILE A 45 19.64 6.34 9.96
N PRO A 46 20.69 7.00 10.45
CA PRO A 46 20.82 8.43 10.22
C PRO A 46 21.11 8.84 8.77
N PHE A 47 21.60 7.92 7.93
CA PHE A 47 21.87 8.24 6.51
C PHE A 47 20.75 7.85 5.55
N TYR A 48 19.57 7.58 6.11
CA TYR A 48 18.38 7.29 5.33
C TYR A 48 17.92 8.53 4.55
N LYS A 49 17.67 8.38 3.25
CA LYS A 49 17.24 9.50 2.39
C LYS A 49 15.71 9.45 2.21
N PRO A 50 14.98 10.35 2.87
CA PRO A 50 13.53 10.35 2.72
C PRO A 50 13.02 10.94 1.40
N ILE A 51 11.95 10.34 0.85
CA ILE A 51 11.24 10.88 -0.30
C ILE A 51 9.79 11.08 0.08
N ASP A 52 9.29 12.30 -0.09
CA ASP A 52 7.92 12.62 0.22
C ASP A 52 7.01 11.68 -0.55
N GLY A 53 6.04 11.10 0.15
CA GLY A 53 5.05 10.19 -0.46
C GLY A 53 5.47 8.74 -0.56
N GLN A 54 6.75 8.45 -0.33
CA GLN A 54 7.22 7.08 -0.33
C GLN A 54 6.52 6.32 0.78
N ARG A 55 5.98 5.16 0.42
CA ARG A 55 5.43 4.21 1.36
C ARG A 55 6.51 3.27 1.84
N VAL A 56 6.44 2.92 3.13
CA VAL A 56 7.43 2.09 3.78
C VAL A 56 6.78 1.19 4.81
N ILE A 57 7.44 0.06 5.10
CA ILE A 57 7.19 -0.69 6.32
C ILE A 57 8.24 -0.18 7.31
N THR A 58 7.77 0.41 8.42
CA THR A 58 8.65 1.04 9.41
C THR A 58 8.62 0.27 10.70
N TYR A 59 9.82 -0.06 11.19
CA TYR A 59 10.00 -0.71 12.47
C TYR A 59 10.59 0.34 13.42
N PHE A 60 10.02 0.44 14.62
CA PHE A 60 10.38 1.54 15.53
C PHE A 60 10.06 1.22 16.99
N ASN A 61 10.78 1.85 17.90
CA ASN A 61 10.53 1.70 19.32
C ASN A 61 9.76 2.93 19.77
N PRO A 62 8.51 2.75 20.19
CA PRO A 62 7.74 3.92 20.64
C PRO A 62 8.26 4.47 21.97
N LEU A 63 8.38 5.80 22.06
CA LEU A 63 8.88 6.47 23.28
C LEU A 63 7.84 7.32 24.02
N TYR A 64 7.24 8.28 23.33
CA TYR A 64 6.25 9.19 23.95
C TYR A 64 4.99 9.36 23.10
N ASP A 65 3.97 9.96 23.71
CA ASP A 65 2.74 10.26 22.99
C ASP A 65 2.56 11.77 22.99
N ASN A 66 1.94 12.29 21.93
CA ASN A 66 1.64 13.72 21.81
C ASN A 66 2.89 14.56 22.01
N TYR A 67 3.86 14.31 21.14
CA TYR A 67 5.13 15.02 21.20
C TYR A 67 5.14 16.08 20.10
N GLU A 68 5.03 17.35 20.52
CA GLU A 68 5.19 18.51 19.64
C GLU A 68 4.31 18.43 18.38
N GLY A 69 3.05 18.08 18.58
CA GLY A 69 2.08 17.99 17.50
C GLY A 69 2.05 16.66 16.77
N TYR A 70 2.97 15.74 17.10
CA TYR A 70 2.97 14.40 16.52
C TYR A 70 2.30 13.41 17.46
N ASP A 71 1.63 12.40 16.93
CA ASP A 71 0.90 11.44 17.76
C ASP A 71 1.86 10.66 18.66
N HIS A 72 3.06 10.40 18.16
CA HIS A 72 4.11 9.73 18.93
C HIS A 72 5.50 10.23 18.56
N ALA A 73 6.43 10.17 19.51
CA ALA A 73 7.87 10.22 19.21
C ALA A 73 8.43 8.80 19.36
N VAL A 74 9.30 8.42 18.43
CA VAL A 74 9.84 7.06 18.38
C VAL A 74 11.32 7.06 18.03
N LYS A 75 11.96 5.91 18.23
CA LYS A 75 13.25 5.61 17.61
C LYS A 75 12.96 4.72 16.42
N VAL A 76 13.34 5.18 15.24
CA VAL A 76 13.21 4.40 14.01
C VAL A 76 14.31 3.36 14.00
N GLU A 77 13.95 2.12 13.68
CA GLU A 77 14.93 1.04 13.55
C GLU A 77 15.21 0.70 12.09
N HIS A 78 14.14 0.51 11.30
CA HIS A 78 14.23 0.21 9.86
C HIS A 78 13.09 0.86 9.07
N ASN A 79 13.39 1.35 7.87
CA ASN A 79 12.35 1.79 6.92
C ASN A 79 12.51 1.08 5.59
N TYR A 80 11.81 -0.03 5.44
CA TYR A 80 11.87 -0.81 4.21
C TYR A 80 10.95 -0.18 3.19
N ASN A 81 11.53 0.29 2.11
CA ASN A 81 10.76 0.98 1.09
C ASN A 81 9.84 0.01 0.40
N VAL A 82 8.59 0.43 0.23
CA VAL A 82 7.57 -0.33 -0.47
C VAL A 82 7.27 0.38 -1.77
N LEU A 83 7.16 -0.41 -2.83
CA LEU A 83 6.77 0.10 -4.13
C LEU A 83 5.44 0.86 -4.07
N THR A 84 5.48 2.10 -4.52
CA THR A 84 4.37 3.03 -4.33
C THR A 84 3.85 3.41 -5.71
N LYS A 85 2.56 3.19 -5.95
CA LYS A 85 1.97 3.34 -7.28
C LYS A 85 0.54 3.90 -7.22
N GLN A 86 0.03 4.31 -8.39
CA GLN A 86 -1.32 4.84 -8.52
C GLN A 86 -2.24 3.77 -9.10
N VAL A 87 -3.54 4.01 -9.04
CA VAL A 87 -4.49 3.23 -9.81
C VAL A 87 -4.36 3.75 -11.24
N GLU A 88 -4.21 2.82 -12.19
CA GLU A 88 -4.02 3.15 -13.59
C GLU A 88 -5.29 2.82 -14.36
N ASP A 89 -5.75 3.77 -15.17
CA ASP A 89 -6.88 3.52 -16.04
C ASP A 89 -6.44 2.57 -17.15
N LEU A 90 -7.26 1.54 -17.39
CA LEU A 90 -7.02 0.60 -18.49
C LEU A 90 -7.86 1.05 -19.68
N THR A 91 -7.16 1.30 -20.80
CA THR A 91 -7.75 1.82 -22.03
C THR A 91 -7.47 0.89 -23.19
N ALA A 92 -8.01 1.24 -24.36
CA ALA A 92 -7.67 0.56 -25.59
C ALA A 92 -6.16 0.62 -25.89
N GLU A 93 -5.50 1.73 -25.56
CA GLU A 93 -4.06 1.93 -25.87
C GLU A 93 -3.15 0.96 -25.13
N ASN A 94 -3.55 0.60 -23.91
CA ASN A 94 -2.70 -0.17 -23.02
C ASN A 94 -3.31 -1.49 -22.51
N GLU A 95 -4.47 -1.87 -23.06
CA GLU A 95 -5.19 -3.09 -22.65
C GLU A 95 -4.27 -4.31 -22.50
N SER A 96 -3.27 -4.44 -23.37
CA SER A 96 -2.37 -5.60 -23.34
C SER A 96 -1.08 -5.39 -22.56
N GLU A 97 -0.93 -4.24 -21.92
CA GLU A 97 0.33 -3.83 -21.32
C GLU A 97 0.57 -4.40 -19.91
N PHE A 98 -0.48 -4.82 -19.22
CA PHE A 98 -0.40 -5.11 -17.77
C PHE A 98 -0.26 -6.60 -17.40
N GLY A 99 -0.64 -7.50 -18.32
CA GLY A 99 -0.59 -8.95 -18.08
C GLY A 99 -1.65 -9.44 -17.11
N ASN A 100 -1.68 -10.75 -16.88
CA ASN A 100 -2.56 -11.32 -15.85
C ASN A 100 -2.13 -12.72 -15.46
N ASP A 101 -0.92 -12.87 -14.96
CA ASP A 101 -0.43 -14.18 -14.55
C ASP A 101 -1.22 -14.65 -13.36
N PRO A 102 -1.53 -15.96 -13.30
CA PRO A 102 -2.18 -16.50 -12.12
C PRO A 102 -1.16 -16.56 -11.02
N VAL A 103 -1.37 -15.79 -9.96
CA VAL A 103 -0.32 -15.57 -8.95
C VAL A 103 -0.74 -15.72 -7.46
N TRP A 104 -2.02 -15.50 -7.14
CA TRP A 104 -2.45 -15.40 -5.73
C TRP A 104 -2.47 -16.77 -5.02
N VAL A 105 -1.93 -16.80 -3.80
CA VAL A 105 -2.01 -17.96 -2.89
C VAL A 105 -2.47 -17.50 -1.51
N ASN A 106 -2.70 -18.43 -0.61
CA ASN A 106 -3.23 -18.12 0.72
C ASN A 106 -2.27 -17.30 1.59
N LYS A 107 -0.97 -17.48 1.37
CA LYS A 107 0.06 -16.72 2.08
C LYS A 107 0.27 -15.31 1.52
N ASP A 108 -0.50 -14.89 0.52
CA ASP A 108 -0.51 -13.50 0.08
C ASP A 108 -1.55 -12.74 0.92
N TRP A 111 -4.94 -5.61 1.89
CA TRP A 111 -5.85 -4.82 2.73
C TRP A 111 -5.77 -3.32 2.43
N ILE A 112 -6.77 -2.59 2.91
CA ILE A 112 -6.82 -1.13 2.78
C ILE A 112 -6.39 -0.46 4.08
N GLY A 113 -5.36 0.35 4.01
CA GLY A 113 -4.86 1.12 5.16
C GLY A 113 -4.33 2.46 4.73
N GLY A 114 -4.70 3.52 5.45
CA GLY A 114 -4.15 4.86 5.23
C GLY A 114 -4.38 5.44 3.86
N GLY A 115 -5.48 5.03 3.23
CA GLY A 115 -5.83 5.51 1.89
C GLY A 115 -5.18 4.75 0.74
N TYR A 116 -4.56 3.61 1.05
CA TYR A 116 -3.87 2.80 0.03
C TYR A 116 -4.36 1.38 0.05
N LEU A 117 -4.33 0.72 -1.12
CA LEU A 117 -4.45 -0.74 -1.15
C LEU A 117 -3.06 -1.31 -0.94
N ASN A 118 -2.86 -1.98 0.19
CA ASN A 118 -1.57 -2.55 0.56
C ASN A 118 -1.52 -4.03 0.22
N VAL A 119 -0.47 -4.43 -0.48
CA VAL A 119 -0.33 -5.82 -0.90
C VAL A 119 1.07 -6.31 -0.56
N ILE A 120 1.13 -7.49 0.05
CA ILE A 120 2.39 -8.16 0.24
C ILE A 120 2.28 -9.62 -0.22
N PHE A 121 3.14 -10.01 -1.16
CA PHE A 121 3.22 -11.40 -1.60
C PHE A 121 4.21 -12.17 -0.72
N ARG A 122 3.71 -12.82 0.33
CA ARG A 122 4.54 -13.54 1.31
C ARG A 122 5.49 -12.63 2.12
N GLN A 123 6.57 -12.17 1.48
CA GLN A 123 7.66 -11.46 2.16
C GLN A 123 8.08 -10.22 1.37
N ASN A 124 8.72 -9.26 2.04
CA ASN A 124 9.36 -8.15 1.34
C ASN A 124 10.84 -8.47 1.06
N LEU A 125 11.33 -9.54 1.72
CA LEU A 125 12.73 -9.98 1.58
C LEU A 125 12.81 -11.06 0.50
N LYS A 130 12.40 -8.74 -11.60
CA LYS A 130 11.91 -8.84 -12.97
C LYS A 130 10.42 -9.16 -12.97
N HIS A 131 9.60 -8.17 -12.61
CA HIS A 131 8.15 -8.30 -12.67
C HIS A 131 7.41 -6.94 -12.72
N LEU A 132 6.13 -6.99 -13.07
CA LEU A 132 5.28 -5.81 -13.06
C LEU A 132 3.97 -6.12 -12.34
N VAL A 133 3.69 -5.37 -11.28
CA VAL A 133 2.41 -5.50 -10.59
C VAL A 133 1.64 -4.19 -10.68
N SER A 134 0.37 -4.29 -11.07
CA SER A 134 -0.47 -3.13 -11.33
C SER A 134 -1.88 -3.26 -10.70
N LEU A 135 -2.50 -2.12 -10.43
CA LEU A 135 -3.90 -2.08 -10.01
C LEU A 135 -4.63 -1.21 -11.03
N VAL A 136 -5.49 -1.83 -11.83
CA VAL A 136 -6.10 -1.12 -12.96
C VAL A 136 -7.62 -1.05 -12.87
N ARG A 137 -8.18 -0.12 -13.63
CA ARG A 137 -9.62 0.09 -13.70
C ARG A 137 -10.06 0.10 -15.15
N ASP A 138 -10.96 -0.80 -15.54
CA ASP A 138 -11.41 -0.88 -16.94
C ASP A 138 -12.25 0.36 -17.26
N ARG A 140 -12.74 1.06 -20.59
CA ARG A 140 -13.11 0.88 -21.97
C ARG A 140 -14.62 0.92 -22.15
N ALA A 141 -15.04 1.16 -23.39
CA ALA A 141 -16.44 1.27 -23.75
C ALA A 141 -17.32 0.14 -23.20
N THR A 142 -16.82 -1.10 -23.20
CA THR A 142 -17.60 -2.27 -22.75
C THR A 142 -17.93 -2.29 -21.24
N ALA A 143 -17.06 -1.69 -20.43
CA ALA A 143 -17.13 -1.88 -18.97
C ALA A 143 -18.30 -1.13 -18.30
N ALA A 144 -19.44 -1.82 -18.18
CA ALA A 144 -20.62 -1.34 -17.42
C ALA A 144 -20.92 -2.26 -16.23
N GLU A 145 -19.85 -2.76 -15.60
CA GLU A 145 -19.93 -3.70 -14.46
C GLU A 145 -20.24 -2.99 -13.13
N GLY A 146 -19.57 -1.87 -12.88
CA GLY A 146 -19.84 -1.04 -11.70
C GLY A 146 -21.23 -0.42 -11.80
N GLU A 147 -21.57 0.02 -13.01
CA GLU A 147 -22.93 0.42 -13.34
C GLU A 147 -23.86 -0.75 -13.06
N ASP A 148 -24.73 -0.57 -12.07
CA ASP A 148 -25.70 -1.58 -11.67
C ASP A 148 -25.12 -2.56 -10.64
N ASP A 149 -24.20 -2.08 -9.78
CA ASP A 149 -23.91 -2.79 -8.50
C ASP A 149 -23.38 -1.91 -7.34
N GLY A 150 -22.97 -0.67 -7.66
CA GLY A 150 -22.60 0.30 -6.63
C GLY A 150 -21.17 0.20 -6.11
N TYR A 151 -20.34 -0.68 -6.70
CA TYR A 151 -18.93 -0.81 -6.31
C TYR A 151 -18.01 -0.31 -7.41
N ILE A 152 -16.84 0.20 -7.03
CA ILE A 152 -15.74 0.45 -7.97
C ILE A 152 -15.02 -0.86 -8.23
N HIS A 153 -14.82 -1.19 -9.50
CA HIS A 153 -14.22 -2.46 -9.87
C HIS A 153 -12.79 -2.25 -10.35
N LEU A 154 -11.84 -2.77 -9.57
CA LEU A 154 -10.44 -2.76 -9.92
C LEU A 154 -9.98 -4.19 -10.14
N GLU A 155 -8.82 -4.33 -10.79
CA GLU A 155 -8.18 -5.63 -10.98
C GLU A 155 -6.69 -5.53 -10.68
N LEU A 156 -6.22 -6.42 -9.82
CA LEU A 156 -4.81 -6.58 -9.58
C LEU A 156 -4.23 -7.49 -10.67
N ARG A 157 -3.20 -6.99 -11.35
CA ARG A 157 -2.59 -7.68 -12.48
C ARG A 157 -1.10 -7.91 -12.21
N TYR A 158 -0.65 -9.15 -12.39
CA TYR A 158 0.74 -9.53 -12.20
C TYR A 158 1.28 -10.08 -13.52
N LYS A 159 2.54 -9.81 -13.78
CA LYS A 159 3.18 -10.13 -15.04
C LYS A 159 4.63 -10.50 -14.72
N THR A 160 5.11 -11.58 -15.32
CA THR A 160 6.51 -11.99 -15.22
C THR A 160 7.20 -11.75 -16.57
N TYR A 161 8.53 -11.70 -16.53
CA TYR A 161 9.35 -11.73 -17.73
C TYR A 161 10.42 -12.81 -17.52
N ASP A 162 10.45 -13.81 -18.42
CA ASP A 162 11.34 -14.97 -18.28
C ASP A 162 11.10 -15.70 -16.94
N ASP A 163 9.93 -16.30 -16.79
CA ASP A 163 9.55 -17.01 -15.55
C ASP A 163 9.71 -16.17 -14.29
N GLN A 168 7.36 -17.72 -8.80
CA GLN A 168 6.96 -17.63 -7.39
C GLN A 168 6.99 -16.18 -6.88
N ALA A 169 5.85 -15.52 -6.93
CA ALA A 169 5.75 -14.07 -6.63
C ALA A 169 6.19 -13.69 -5.20
N ASN A 170 6.96 -12.61 -5.14
CA ASN A 170 7.44 -12.05 -3.88
C ASN A 170 7.37 -10.51 -3.94
N GLY A 171 7.39 -9.88 -2.77
CA GLY A 171 7.49 -8.43 -2.68
C GLY A 171 6.29 -7.76 -2.03
N ALA A 172 6.28 -6.45 -2.10
CA ALA A 172 5.23 -5.67 -1.49
C ALA A 172 4.98 -4.40 -2.28
N VAL A 173 3.70 -4.02 -2.39
CA VAL A 173 3.33 -2.83 -3.12
C VAL A 173 2.18 -2.10 -2.43
N SER A 174 2.14 -0.77 -2.63
CA SER A 174 1.09 0.06 -2.06
C SER A 174 0.50 0.96 -3.16
N PHE A 175 -0.81 0.87 -3.36
CA PHE A 175 -1.50 1.62 -4.42
C PHE A 175 -2.34 2.75 -3.84
N ASN A 176 -1.98 3.99 -4.17
CA ASN A 176 -2.76 5.15 -3.73
C ASN A 176 -4.20 5.10 -4.29
N LEU A 177 -5.20 5.24 -3.42
CA LEU A 177 -6.60 5.12 -3.84
C LEU A 177 -7.32 6.45 -3.86
N ASN A 178 -6.59 7.53 -3.65
CA ASN A 178 -7.25 8.82 -3.51
CA ASN A 178 -7.12 8.89 -3.55
C ASN A 178 -7.66 9.43 -4.87
N SER A 179 -7.31 8.77 -5.97
CA SER A 179 -7.79 9.20 -7.28
C SER A 179 -9.23 8.78 -7.57
N LEU A 180 -9.82 7.96 -6.71
CA LEU A 180 -11.16 7.39 -6.93
C LEU A 180 -12.24 8.21 -6.23
N ASP A 181 -13.44 8.21 -6.80
CA ASP A 181 -14.59 8.91 -6.22
C ASP A 181 -15.54 7.90 -5.60
N LEU A 182 -15.57 7.88 -4.27
CA LEU A 182 -16.35 6.92 -3.51
C LEU A 182 -17.74 7.44 -3.14
N THR A 183 -18.14 8.58 -3.71
CA THR A 183 -19.47 9.14 -3.48
C THR A 183 -20.60 8.26 -4.05
N GLY A 184 -21.58 7.95 -3.20
CA GLY A 184 -22.67 7.04 -3.57
C GLY A 184 -22.23 5.61 -3.88
N LYS A 185 -21.03 5.22 -3.43
CA LYS A 185 -20.46 3.90 -3.71
C LYS A 185 -20.47 3.07 -2.46
N LYS A 186 -20.80 1.79 -2.59
CA LYS A 186 -20.79 0.87 -1.46
C LYS A 186 -19.38 0.50 -1.03
N GLY A 187 -18.46 0.52 -1.97
CA GLY A 187 -17.08 0.16 -1.68
C GLY A 187 -16.27 -0.11 -2.93
N ILE A 188 -15.19 -0.86 -2.77
CA ILE A 188 -14.27 -1.21 -3.86
C ILE A 188 -14.20 -2.73 -4.01
N LYS A 189 -14.21 -3.22 -5.24
CA LYS A 189 -13.95 -4.63 -5.50
C LYS A 189 -12.64 -4.80 -6.26
N VAL A 190 -11.85 -5.81 -5.86
CA VAL A 190 -10.58 -6.13 -6.48
C VAL A 190 -10.59 -7.56 -7.02
N LYS A 191 -10.36 -7.70 -8.33
CA LYS A 191 -10.31 -9.02 -8.97
C LYS A 191 -8.90 -9.58 -8.90
N LEU A 192 -8.77 -10.82 -8.45
CA LEU A 192 -7.49 -11.52 -8.36
C LEU A 192 -7.46 -12.71 -9.28
N ASN A 193 -6.29 -13.01 -9.83
CA ASN A 193 -6.05 -14.27 -10.51
C ASN A 193 -5.35 -15.23 -9.56
N SER A 194 -6.13 -16.17 -9.02
CA SER A 194 -5.65 -17.17 -8.09
C SER A 194 -4.99 -18.29 -8.88
N VAL A 195 -3.94 -18.88 -8.31
CA VAL A 195 -3.26 -20.00 -8.99
C VAL A 195 -4.20 -21.20 -9.06
N LYS A 196 -4.87 -21.52 -7.95
CA LYS A 196 -5.74 -22.69 -7.86
C LYS A 196 -7.19 -22.39 -8.31
N ASP A 197 -7.72 -21.23 -7.92
CA ASP A 197 -9.15 -20.92 -8.09
C ASP A 197 -9.50 -20.02 -9.29
N GLY A 198 -8.53 -19.68 -10.13
CA GLY A 198 -8.78 -18.79 -11.25
C GLY A 198 -9.13 -17.39 -10.76
N GLU A 199 -9.90 -16.66 -11.56
CA GLU A 199 -10.29 -15.29 -11.19
C GLU A 199 -11.23 -15.31 -10.01
N THR A 200 -10.88 -14.58 -8.96
CA THR A 200 -11.72 -14.46 -7.77
C THR A 200 -11.85 -12.98 -7.41
N GLU A 201 -12.93 -12.64 -6.69
CA GLU A 201 -13.22 -11.26 -6.26
C GLU A 201 -12.94 -11.08 -4.79
N VAL A 202 -12.50 -9.88 -4.43
CA VAL A 202 -12.32 -9.47 -3.05
C VAL A 202 -13.10 -8.16 -2.83
N VAL A 203 -13.94 -8.12 -1.79
CA VAL A 203 -14.85 -7.00 -1.55
C VAL A 203 -14.43 -6.16 -0.35
N PHE A 204 -14.22 -4.87 -0.59
CA PHE A 204 -13.94 -3.91 0.46
C PHE A 204 -15.10 -2.92 0.57
N ASN A 205 -15.95 -3.12 1.57
CA ASN A 205 -17.00 -2.15 1.91
C ASN A 205 -16.35 -0.96 2.60
N LEU A 206 -16.75 0.26 2.25
CA LEU A 206 -16.13 1.46 2.81
C LEU A 206 -17.10 2.28 3.62
N LYS A 207 -16.68 2.65 4.83
CA LYS A 207 -17.51 3.32 5.83
C LYS A 207 -18.65 2.40 6.30
#